data_5LRU
#
_entry.id   5LRU
#
_cell.length_a   103.349
_cell.length_b   103.349
_cell.length_c   90.199
_cell.angle_alpha   90.00
_cell.angle_beta   90.00
_cell.angle_gamma   90.00
#
_symmetry.space_group_name_H-M   'P 41 21 2'
#
loop_
_entity.id
_entity.type
_entity.pdbx_description
1 polymer 'OTU domain-containing protein 7B'
2 water water
#
_entity_poly.entity_id   1
_entity_poly.type   'polypeptide(L)'
_entity_poly.pdbx_seq_one_letter_code
;MEMPICAFQLPDLTVYNEDFRSFIERDLIEQSMLVALEQAGRLNWWVSVDPTSQRLLPLATTGDGNCLLHAASLGMWGFH
DRDLMLRKALYALMEKGVEKEALKRRWRWQQTQQNKESGLVYTEDEWQKEWNELIKLASSEPRMHLGTNGANCGGVESSE
EPVYESLEEFHVFVLAHVLRRPIVVVADTMLRDSGGEAFAPIPFGGIYLPLEVPASQCHRSPLVLAYDQAHFSALVSMEQ
KENTKEQAVIPLTDSEYKLLPLHFAVDPGKGWEWGKDDSDNVRLASVILSLEVKLHLLHSYMNVKWIPLSSKHHHHHH
;
_entity_poly.pdbx_strand_id   A
#
# COMPACT_ATOMS: atom_id res chain seq x y z
N MET A 1 15.86 -2.17 -19.80
CA MET A 1 14.43 -2.44 -19.73
C MET A 1 13.63 -1.18 -19.44
N GLU A 2 12.75 -0.80 -20.36
CA GLU A 2 11.85 0.33 -20.12
C GLU A 2 10.75 -0.09 -19.14
N MET A 3 10.80 0.46 -17.93
CA MET A 3 9.85 0.07 -16.90
C MET A 3 9.10 1.29 -16.34
N PRO A 4 7.84 1.08 -15.92
CA PRO A 4 7.03 2.15 -15.37
C PRO A 4 7.43 2.51 -13.95
N ILE A 5 7.61 3.80 -13.70
CA ILE A 5 7.92 4.31 -12.38
C ILE A 5 7.02 5.50 -12.07
N CYS A 6 7.15 6.07 -10.88
N CYS A 6 7.20 6.06 -10.88
CA CYS A 6 6.45 7.31 -10.60
CA CYS A 6 6.42 7.19 -10.40
C CYS A 6 7.14 8.09 -9.49
C CYS A 6 7.28 8.11 -9.54
N ALA A 7 7.03 9.41 -9.59
CA ALA A 7 7.65 10.32 -8.64
C ALA A 7 6.77 10.41 -7.40
N PHE A 8 7.39 10.60 -6.24
CA PHE A 8 6.63 10.85 -5.01
C PHE A 8 7.34 11.86 -4.12
N GLN A 9 6.56 12.55 -3.29
CA GLN A 9 7.09 13.57 -2.39
C GLN A 9 7.72 12.94 -1.16
N LEU A 10 8.97 13.30 -0.90
CA LEU A 10 9.67 12.82 0.29
C LEU A 10 9.15 13.55 1.54
N PRO A 11 9.19 12.87 2.69
CA PRO A 11 8.75 13.45 3.96
C PRO A 11 9.48 14.75 4.30
N ASP A 12 8.72 15.76 4.70
CA ASP A 12 9.30 17.02 5.17
C ASP A 12 9.88 16.81 6.57
N LEU A 13 11.18 16.63 6.64
CA LEU A 13 11.84 16.29 7.91
C LEU A 13 11.89 17.45 8.89
N THR A 14 11.69 18.67 8.40
CA THR A 14 11.80 19.86 9.24
C THR A 14 10.72 19.85 10.32
N VAL A 15 9.56 19.30 10.00
CA VAL A 15 8.48 19.12 10.96
C VAL A 15 8.80 17.97 11.91
N TYR A 16 9.41 16.93 11.36
CA TYR A 16 9.78 15.73 12.11
C TYR A 16 10.78 16.02 13.22
N ASN A 17 11.76 16.86 12.91
CA ASN A 17 12.84 17.16 13.85
C ASN A 17 12.35 17.90 15.09
N GLU A 18 11.27 18.66 14.93
CA GLU A 18 10.74 19.46 16.03
C GLU A 18 10.03 18.61 17.07
N ASP A 19 9.33 17.57 16.63
CA ASP A 19 8.55 16.73 17.55
C ASP A 19 8.89 15.25 17.44
N PHE A 20 10.07 14.87 17.92
CA PHE A 20 10.46 13.47 18.01
C PHE A 20 10.63 13.07 19.47
N ARG A 21 9.86 12.07 19.89
CA ARG A 21 9.80 11.66 21.28
C ARG A 21 10.44 10.29 21.34
N SER A 22 10.95 9.91 22.49
CA SER A 22 11.93 8.83 22.51
C SER A 22 11.40 7.57 21.88
N PHE A 23 12.17 7.12 20.91
CA PHE A 23 11.99 5.86 20.24
C PHE A 23 13.42 5.47 20.04
N ILE A 24 14.07 5.02 21.11
CA ILE A 24 15.50 4.84 21.12
C ILE A 24 15.94 3.80 20.11
N GLU A 25 15.09 2.81 19.89
CA GLU A 25 15.44 1.67 19.04
C GLU A 25 15.19 2.00 17.56
N ARG A 26 14.91 3.26 17.27
CA ARG A 26 14.58 3.69 15.91
C ARG A 26 15.64 3.29 14.88
N ASP A 27 16.88 3.71 15.12
CA ASP A 27 17.96 3.47 14.18
C ASP A 27 18.21 1.97 13.97
N LEU A 28 18.20 1.22 15.06
CA LEU A 28 18.40 -0.23 15.00
C LEU A 28 17.34 -0.90 14.15
N ILE A 29 16.07 -0.58 14.41
CA ILE A 29 14.96 -1.15 13.66
C ILE A 29 14.99 -0.73 12.20
N GLU A 30 15.20 0.55 11.95
CA GLU A 30 15.28 1.08 10.58
C GLU A 30 16.35 0.36 9.77
N GLN A 31 17.50 0.16 10.38
CA GLN A 31 18.61 -0.50 9.70
C GLN A 31 18.24 -1.94 9.33
N SER A 32 17.54 -2.63 10.22
CA SER A 32 17.16 -4.02 9.96
C SER A 32 16.09 -4.08 8.87
N MET A 33 15.21 -3.09 8.82
CA MET A 33 14.20 -3.04 7.78
C MET A 33 14.82 -2.74 6.42
N LEU A 34 15.84 -1.88 6.41
CA LEU A 34 16.54 -1.54 5.18
C LEU A 34 17.23 -2.76 4.58
N VAL A 35 18.01 -3.45 5.42
CA VAL A 35 18.75 -4.63 4.98
C VAL A 35 17.81 -5.73 4.50
N ALA A 36 16.72 -5.95 5.22
CA ALA A 36 15.77 -6.99 4.86
C ALA A 36 15.13 -6.72 3.50
N LEU A 37 14.69 -5.49 3.28
CA LEU A 37 14.02 -5.13 2.04
C LEU A 37 14.99 -5.06 0.85
N GLU A 38 16.23 -4.66 1.10
CA GLU A 38 17.23 -4.59 0.04
C GLU A 38 17.73 -5.97 -0.36
N GLN A 39 17.94 -6.84 0.63
CA GLN A 39 18.46 -8.18 0.37
C GLN A 39 17.44 -9.04 -0.36
N ALA A 40 16.15 -8.80 -0.07
CA ALA A 40 15.09 -9.54 -0.72
C ALA A 40 14.75 -8.97 -2.11
N GLY A 41 15.40 -7.86 -2.45
CA GLY A 41 15.21 -7.22 -3.75
C GLY A 41 13.89 -6.50 -3.90
N ARG A 42 13.38 -5.94 -2.81
CA ARG A 42 12.10 -5.25 -2.84
C ARG A 42 12.29 -3.74 -2.83
N LEU A 43 13.41 -3.29 -2.27
CA LEU A 43 13.70 -1.86 -2.16
C LEU A 43 15.09 -1.55 -2.73
N ASN A 44 15.20 -0.46 -3.49
CA ASN A 44 16.46 -0.05 -4.11
C ASN A 44 17.08 -1.17 -4.94
N TRP A 45 16.24 -1.87 -5.69
CA TRP A 45 16.67 -3.05 -6.44
C TRP A 45 17.13 -2.74 -7.86
N TRP A 46 16.88 -1.52 -8.30
CA TRP A 46 17.13 -1.15 -9.69
C TRP A 46 18.29 -0.18 -9.84
N VAL A 47 18.85 -0.13 -11.05
CA VAL A 47 19.87 0.85 -11.37
C VAL A 47 19.52 1.48 -12.73
N SER A 48 19.74 2.79 -12.83
CA SER A 48 19.46 3.51 -14.07
C SER A 48 20.66 4.35 -14.47
N VAL A 49 20.74 4.71 -15.75
CA VAL A 49 21.85 5.48 -16.27
C VAL A 49 21.85 6.89 -15.69
N ASP A 50 20.67 7.47 -15.52
CA ASP A 50 20.55 8.82 -14.98
C ASP A 50 20.46 8.79 -13.46
N SER A 53 21.62 9.06 -8.76
CA SER A 53 21.27 7.84 -8.05
C SER A 53 20.62 8.13 -6.70
N GLN A 54 19.59 7.37 -6.35
CA GLN A 54 18.89 7.54 -5.09
C GLN A 54 18.88 6.26 -4.27
N ARG A 55 18.84 6.40 -2.95
CA ARG A 55 18.68 5.26 -2.07
C ARG A 55 17.60 5.55 -1.03
N LEU A 56 16.52 4.80 -1.08
CA LEU A 56 15.42 4.98 -0.13
C LEU A 56 15.70 4.24 1.18
N LEU A 57 15.36 4.89 2.28
CA LEU A 57 15.59 4.34 3.60
C LEU A 57 14.30 4.34 4.41
N PRO A 58 13.96 3.18 5.01
CA PRO A 58 12.80 3.11 5.90
C PRO A 58 12.91 4.07 7.08
N LEU A 59 11.84 4.83 7.33
CA LEU A 59 11.78 5.70 8.48
C LEU A 59 10.74 5.16 9.45
N ALA A 60 11.20 4.43 10.47
CA ALA A 60 10.30 3.73 11.38
C ALA A 60 9.57 4.68 12.30
N THR A 61 8.48 4.19 12.90
CA THR A 61 7.68 4.98 13.82
C THR A 61 7.10 4.11 14.93
N THR A 62 6.71 4.75 16.02
CA THR A 62 6.05 4.05 17.12
C THR A 62 4.56 3.93 16.85
N GLY A 63 3.87 3.15 17.67
CA GLY A 63 2.43 2.99 17.55
C GLY A 63 1.94 1.60 17.86
N ASP A 64 0.64 1.39 17.69
CA ASP A 64 0.02 0.10 17.96
C ASP A 64 -0.02 -0.76 16.70
N GLY A 65 0.24 -2.05 16.87
CA GLY A 65 0.18 -2.99 15.77
C GLY A 65 1.26 -2.74 14.73
N ASN A 66 0.85 -2.71 13.46
CA ASN A 66 1.80 -2.51 12.37
C ASN A 66 2.04 -1.05 12.04
N CYS A 67 1.47 -0.16 12.86
CA CYS A 67 1.71 1.28 12.77
C CYS A 67 1.38 1.88 11.40
N LEU A 68 0.36 1.33 10.72
CA LEU A 68 -0.02 1.78 9.39
C LEU A 68 -0.36 3.27 9.35
N LEU A 69 -1.24 3.70 10.26
CA LEU A 69 -1.71 5.07 10.27
C LEU A 69 -0.62 6.04 10.77
N HIS A 70 0.19 5.59 11.71
CA HIS A 70 1.33 6.38 12.16
C HIS A 70 2.33 6.58 11.03
N ALA A 71 2.56 5.52 10.25
CA ALA A 71 3.48 5.57 9.13
C ALA A 71 2.93 6.44 8.00
N ALA A 72 1.63 6.28 7.72
CA ALA A 72 0.96 7.08 6.70
C ALA A 72 1.01 8.55 7.05
N SER A 73 0.75 8.86 8.31
CA SER A 73 0.82 10.22 8.81
C SER A 73 2.23 10.79 8.66
N LEU A 74 3.22 9.93 8.89
CA LEU A 74 4.62 10.34 8.79
C LEU A 74 5.00 10.62 7.34
N GLY A 75 4.58 9.75 6.43
CA GLY A 75 4.88 9.92 5.02
C GLY A 75 4.17 11.10 4.40
N MET A 76 3.00 11.43 4.93
CA MET A 76 2.19 12.52 4.39
C MET A 76 2.64 13.90 4.89
N TRP A 77 2.82 14.03 6.21
CA TRP A 77 3.01 15.36 6.79
C TRP A 77 4.27 15.51 7.64
N GLY A 78 4.97 14.41 7.90
CA GLY A 78 6.22 14.48 8.63
C GLY A 78 6.08 14.31 10.13
N PHE A 79 4.85 14.02 10.58
CA PHE A 79 4.60 13.69 11.98
C PHE A 79 3.52 12.62 12.04
N HIS A 80 3.57 11.78 13.07
CA HIS A 80 2.75 10.57 13.11
C HIS A 80 1.49 10.66 13.95
N ASP A 81 1.32 11.76 14.70
CA ASP A 81 0.15 11.89 15.57
C ASP A 81 -1.06 12.46 14.83
N ARG A 82 -1.26 12.00 13.60
CA ARG A 82 -2.44 12.36 12.82
C ARG A 82 -3.27 11.11 12.57
N ASP A 83 -2.86 10.02 13.20
CA ASP A 83 -3.50 8.72 13.01
C ASP A 83 -4.94 8.70 13.51
N LEU A 84 -5.22 9.47 14.55
CA LEU A 84 -6.55 9.50 15.15
C LEU A 84 -7.60 10.02 14.16
N MET A 85 -7.25 11.08 13.45
CA MET A 85 -8.15 11.67 12.46
C MET A 85 -8.30 10.74 11.26
N LEU A 86 -7.25 9.99 10.96
CA LEU A 86 -7.28 9.03 9.85
C LEU A 86 -8.17 7.85 10.18
N ARG A 87 -8.14 7.42 11.43
CA ARG A 87 -8.88 6.24 11.86
C ARG A 87 -10.39 6.46 11.78
N LYS A 88 -10.83 7.61 12.30
CA LYS A 88 -12.24 7.96 12.26
C LYS A 88 -12.74 8.17 10.83
N ALA A 89 -11.89 8.74 9.99
CA ALA A 89 -12.23 8.97 8.59
C ALA A 89 -12.31 7.66 7.84
N LEU A 90 -11.42 6.73 8.19
CA LEU A 90 -11.40 5.41 7.60
C LEU A 90 -12.68 4.65 7.98
N TYR A 91 -13.12 4.85 9.22
CA TYR A 91 -14.33 4.19 9.70
C TYR A 91 -15.58 4.72 8.99
N ALA A 92 -15.74 6.04 8.99
CA ALA A 92 -16.92 6.68 8.41
C ALA A 92 -17.09 6.34 6.94
N LEU A 93 -15.98 6.05 6.28
CA LEU A 93 -15.99 5.71 4.87
C LEU A 93 -16.52 4.30 4.66
N MET A 94 -16.20 3.42 5.60
CA MET A 94 -16.66 2.03 5.54
C MET A 94 -18.09 1.88 6.06
N GLU A 95 -18.38 2.54 7.17
CA GLU A 95 -19.67 2.38 7.84
C GLU A 95 -20.80 3.16 7.17
N LYS A 96 -20.50 4.39 6.75
CA LYS A 96 -21.54 5.26 6.22
C LYS A 96 -21.19 5.92 4.88
N GLY A 97 -20.02 5.59 4.35
CA GLY A 97 -19.57 6.16 3.09
C GLY A 97 -20.49 5.82 1.93
N VAL A 98 -20.45 6.65 0.88
CA VAL A 98 -21.30 6.44 -0.28
C VAL A 98 -20.73 5.32 -1.15
N GLU A 99 -19.44 5.07 -1.01
CA GLU A 99 -18.77 4.01 -1.77
C GLU A 99 -18.73 2.71 -0.97
N LYS A 100 -19.51 2.65 0.10
CA LYS A 100 -19.52 1.49 1.00
C LYS A 100 -19.86 0.19 0.27
N GLU A 101 -20.97 0.20 -0.45
CA GLU A 101 -21.42 -0.99 -1.18
C GLU A 101 -20.40 -1.44 -2.22
N ALA A 102 -19.84 -0.49 -2.96
CA ALA A 102 -18.85 -0.80 -3.98
C ALA A 102 -17.57 -1.35 -3.37
N LEU A 103 -17.11 -0.72 -2.29
CA LEU A 103 -15.92 -1.19 -1.59
C LEU A 103 -16.11 -2.59 -1.05
N LYS A 104 -17.31 -2.85 -0.50
CA LYS A 104 -17.64 -4.17 0.04
C LYS A 104 -17.60 -5.24 -1.05
N ARG A 105 -18.10 -4.89 -2.22
CA ARG A 105 -18.06 -5.81 -3.37
C ARG A 105 -16.63 -6.14 -3.76
N ARG A 106 -15.79 -5.12 -3.78
CA ARG A 106 -14.38 -5.28 -4.14
C ARG A 106 -13.66 -6.17 -3.14
N TRP A 107 -13.97 -5.99 -1.86
CA TRP A 107 -13.37 -6.79 -0.81
C TRP A 107 -13.77 -8.26 -0.93
N ARG A 108 -15.07 -8.51 -0.99
CA ARG A 108 -15.58 -9.88 -1.02
C ARG A 108 -15.09 -10.64 -2.25
N TRP A 109 -15.01 -9.94 -3.39
CA TRP A 109 -14.60 -10.60 -4.62
C TRP A 109 -13.15 -11.07 -4.55
N GLN A 110 -12.25 -10.21 -4.09
CA GLN A 110 -10.85 -10.58 -3.96
C GLN A 110 -10.66 -11.65 -2.87
N GLN A 111 -11.39 -11.48 -1.77
CA GLN A 111 -11.32 -12.42 -0.66
C GLN A 111 -11.86 -13.79 -1.06
N THR A 112 -12.80 -13.78 -2.01
CA THR A 112 -13.36 -15.02 -2.53
C THR A 112 -12.32 -15.75 -3.39
N GLN A 113 -11.57 -15.00 -4.18
CA GLN A 113 -10.56 -15.58 -5.05
C GLN A 113 -9.41 -16.18 -4.25
N GLN A 114 -9.00 -15.47 -3.20
CA GLN A 114 -7.95 -15.98 -2.31
C GLN A 114 -8.41 -17.24 -1.59
N ASN A 115 -9.71 -17.33 -1.35
CA ASN A 115 -10.31 -18.51 -0.73
C ASN A 115 -10.31 -19.71 -1.68
N LYS A 116 -10.46 -19.44 -2.97
CA LYS A 116 -10.51 -20.50 -3.98
C LYS A 116 -9.18 -21.25 -4.08
N GLU A 117 -8.10 -20.57 -3.73
CA GLU A 117 -6.77 -21.16 -3.77
C GLU A 117 -6.57 -22.13 -2.60
N SER A 118 -7.43 -22.02 -1.59
CA SER A 118 -7.33 -22.86 -0.42
C SER A 118 -8.64 -23.62 -0.15
N GLY A 119 -9.62 -23.43 -1.03
CA GLY A 119 -10.87 -24.16 -0.95
C GLY A 119 -11.70 -23.88 0.28
N LEU A 120 -11.46 -22.76 0.93
CA LEU A 120 -12.20 -22.40 2.13
C LEU A 120 -13.39 -21.49 1.80
N VAL A 121 -14.54 -22.11 1.57
CA VAL A 121 -15.76 -21.36 1.26
C VAL A 121 -16.47 -20.91 2.53
N TYR A 122 -16.69 -19.60 2.66
CA TYR A 122 -17.37 -19.05 3.82
C TYR A 122 -18.87 -18.89 3.58
N THR A 123 -19.66 -19.08 4.62
CA THR A 123 -21.11 -18.91 4.54
C THR A 123 -21.47 -17.43 4.45
N GLU A 124 -22.73 -17.15 4.14
CA GLU A 124 -23.20 -15.77 4.04
C GLU A 124 -23.11 -15.04 5.39
N ASP A 125 -23.49 -15.74 6.45
CA ASP A 125 -23.41 -15.18 7.79
C ASP A 125 -21.96 -14.91 8.16
N GLU A 126 -21.06 -15.77 7.68
CA GLU A 126 -19.63 -15.62 7.93
C GLU A 126 -19.06 -14.45 7.15
N TRP A 127 -19.60 -14.23 5.95
CA TRP A 127 -19.19 -13.10 5.12
C TRP A 127 -19.53 -11.79 5.80
N GLN A 128 -20.74 -11.72 6.38
CA GLN A 128 -21.19 -10.51 7.03
C GLN A 128 -20.43 -10.29 8.35
N LYS A 129 -19.97 -11.37 8.94
CA LYS A 129 -19.21 -11.30 10.18
C LYS A 129 -17.81 -10.76 9.91
N GLU A 130 -17.19 -11.24 8.84
CA GLU A 130 -15.84 -10.80 8.46
C GLU A 130 -15.81 -9.33 8.08
N TRP A 131 -16.90 -8.86 7.48
CA TRP A 131 -17.01 -7.46 7.08
C TRP A 131 -17.11 -6.56 8.30
N ASN A 132 -17.86 -6.99 9.30
CA ASN A 132 -18.03 -6.20 10.52
C ASN A 132 -16.78 -6.24 11.38
N GLU A 133 -15.98 -7.29 11.23
CA GLU A 133 -14.69 -7.36 11.90
C GLU A 133 -13.74 -6.33 11.29
N LEU A 134 -13.83 -6.17 9.97
CA LEU A 134 -13.06 -5.14 9.28
C LEU A 134 -13.45 -3.75 9.75
N ILE A 135 -14.75 -3.53 9.91
CA ILE A 135 -15.27 -2.26 10.39
C ILE A 135 -14.83 -2.01 11.83
N LYS A 136 -14.90 -3.06 12.65
CA LYS A 136 -14.54 -2.95 14.06
C LYS A 136 -13.05 -2.61 14.25
N LEU A 137 -12.21 -3.12 13.36
CA LEU A 137 -10.78 -2.85 13.42
C LEU A 137 -10.45 -1.38 13.19
N ALA A 138 -11.37 -0.66 12.55
CA ALA A 138 -11.15 0.74 12.24
C ALA A 138 -11.89 1.67 13.21
N SER A 139 -12.72 1.08 14.08
CA SER A 139 -13.48 1.86 15.03
C SER A 139 -12.58 2.42 16.14
N SER A 140 -13.11 3.39 16.88
CA SER A 140 -12.35 4.01 17.97
C SER A 140 -13.23 4.19 19.21
N TYR A 164 -5.69 -0.41 18.40
CA TYR A 164 -4.94 -1.46 19.07
C TYR A 164 -4.54 -2.58 18.10
N GLU A 165 -5.49 -3.47 17.80
CA GLU A 165 -5.21 -4.58 16.88
C GLU A 165 -4.84 -4.07 15.49
N SER A 166 -3.96 -4.79 14.80
CA SER A 166 -3.42 -4.35 13.51
C SER A 166 -4.48 -4.24 12.42
N LEU A 167 -4.34 -3.22 11.58
CA LEU A 167 -5.21 -3.07 10.42
C LEU A 167 -4.77 -4.04 9.32
N GLU A 168 -5.67 -4.33 8.39
CA GLU A 168 -5.40 -5.32 7.35
C GLU A 168 -5.24 -4.70 5.96
N GLU A 169 -5.10 -5.56 4.97
CA GLU A 169 -4.87 -5.13 3.59
C GLU A 169 -5.95 -4.19 3.07
N PHE A 170 -7.21 -4.54 3.32
CA PHE A 170 -8.32 -3.74 2.82
C PHE A 170 -8.35 -2.35 3.43
N HIS A 171 -7.89 -2.24 4.67
CA HIS A 171 -7.83 -0.93 5.33
C HIS A 171 -6.84 0.00 4.63
N VAL A 172 -5.81 -0.57 4.02
CA VAL A 172 -4.88 0.23 3.23
C VAL A 172 -5.59 0.76 1.99
N PHE A 173 -6.44 -0.09 1.41
CA PHE A 173 -7.24 0.28 0.25
C PHE A 173 -8.24 1.38 0.62
N VAL A 174 -8.82 1.28 1.81
CA VAL A 174 -9.74 2.31 2.28
C VAL A 174 -8.98 3.59 2.59
N LEU A 175 -7.78 3.47 3.15
CA LEU A 175 -6.95 4.62 3.45
C LEU A 175 -6.65 5.45 2.21
N ALA A 176 -6.45 4.76 1.09
CA ALA A 176 -6.21 5.43 -0.18
C ALA A 176 -7.41 6.29 -0.58
N HIS A 177 -8.61 5.83 -0.24
CA HIS A 177 -9.83 6.58 -0.53
C HIS A 177 -9.97 7.76 0.41
N VAL A 178 -9.56 7.58 1.67
CA VAL A 178 -9.59 8.67 2.65
C VAL A 178 -8.68 9.81 2.19
N LEU A 179 -7.49 9.45 1.72
CA LEU A 179 -6.52 10.44 1.27
C LEU A 179 -6.82 10.91 -0.16
N ARG A 180 -7.68 10.18 -0.85
CA ARG A 180 -7.94 10.40 -2.27
C ARG A 180 -6.62 10.45 -3.02
N ARG A 181 -5.79 9.46 -2.73
CA ARG A 181 -4.41 9.43 -3.20
C ARG A 181 -3.95 7.98 -3.25
N PRO A 182 -3.29 7.59 -4.37
CA PRO A 182 -2.80 6.22 -4.49
C PRO A 182 -1.76 5.91 -3.43
N ILE A 183 -1.67 4.64 -3.03
CA ILE A 183 -0.70 4.23 -2.04
C ILE A 183 0.14 3.08 -2.59
N VAL A 184 1.46 3.27 -2.56
CA VAL A 184 2.37 2.21 -2.95
C VAL A 184 3.07 1.66 -1.72
N VAL A 185 2.90 0.36 -1.49
CA VAL A 185 3.56 -0.31 -0.37
C VAL A 185 4.71 -1.18 -0.87
N VAL A 186 5.90 -0.95 -0.34
CA VAL A 186 7.06 -1.76 -0.66
C VAL A 186 7.22 -2.88 0.36
N ALA A 187 7.16 -4.13 -0.10
CA ALA A 187 7.26 -5.26 0.81
C ALA A 187 7.67 -6.54 0.09
N ASP A 188 8.15 -7.51 0.87
CA ASP A 188 8.41 -8.84 0.35
C ASP A 188 7.06 -9.53 0.16
N THR A 189 7.05 -10.62 -0.60
CA THR A 189 5.81 -11.32 -0.89
C THR A 189 5.51 -12.42 0.12
N MET A 190 6.55 -12.87 0.81
CA MET A 190 6.43 -14.02 1.70
C MET A 190 7.27 -13.90 2.97
N LEU A 191 6.81 -14.59 4.01
CA LEU A 191 7.62 -14.82 5.20
C LEU A 191 8.43 -16.10 4.99
N ARG A 192 9.73 -16.05 5.21
CA ARG A 192 10.61 -17.16 4.85
C ARG A 192 11.45 -17.69 6.01
N ASP A 193 11.66 -19.00 6.02
CA ASP A 193 12.50 -19.65 7.03
C ASP A 193 13.56 -20.51 6.34
N SER A 194 14.81 -20.06 6.43
CA SER A 194 15.94 -20.72 5.78
C SER A 194 15.71 -20.84 4.27
N GLU A 197 12.79 -19.99 1.34
CA GLU A 197 11.86 -21.04 1.77
C GLU A 197 10.65 -20.45 2.46
N ALA A 198 9.69 -19.98 1.68
CA ALA A 198 8.50 -19.31 2.18
C ALA A 198 7.56 -20.26 2.94
N PHE A 199 6.93 -19.75 3.98
CA PHE A 199 5.96 -20.53 4.75
C PHE A 199 4.64 -19.78 4.92
N ALA A 200 4.67 -18.47 4.70
CA ALA A 200 3.47 -17.64 4.85
C ALA A 200 3.54 -16.41 3.96
N PRO A 201 2.38 -15.96 3.45
CA PRO A 201 2.32 -14.83 2.52
C PRO A 201 2.26 -13.46 3.20
N ILE A 202 2.79 -12.46 2.51
CA ILE A 202 2.64 -11.06 2.91
C ILE A 202 1.78 -10.35 1.87
N PRO A 203 0.59 -9.90 2.29
CA PRO A 203 -0.41 -9.38 1.35
C PRO A 203 -0.34 -7.87 1.08
N PHE A 204 0.59 -7.16 1.71
CA PHE A 204 0.56 -5.70 1.70
C PHE A 204 1.24 -5.05 0.50
N GLY A 205 2.26 -5.70 -0.06
CA GLY A 205 3.01 -5.12 -1.16
C GLY A 205 2.17 -4.83 -2.39
N GLY A 206 2.38 -3.66 -2.99
CA GLY A 206 1.69 -3.32 -4.23
C GLY A 206 1.06 -1.94 -4.30
N ILE A 207 0.12 -1.80 -5.22
CA ILE A 207 -0.50 -0.51 -5.52
C ILE A 207 -1.96 -0.44 -5.08
N TYR A 208 -2.30 0.60 -4.34
CA TYR A 208 -3.67 0.82 -3.88
C TYR A 208 -4.25 2.09 -4.50
N LEU A 209 -5.21 1.93 -5.41
CA LEU A 209 -5.79 3.09 -6.09
C LEU A 209 -7.15 3.47 -5.49
N PRO A 210 -7.42 4.78 -5.37
CA PRO A 210 -8.72 5.25 -4.87
C PRO A 210 -9.80 5.13 -5.94
N LEU A 211 -10.11 3.89 -6.31
CA LEU A 211 -10.94 3.60 -7.48
C LEU A 211 -12.40 4.04 -7.35
N GLU A 212 -12.89 4.17 -6.11
CA GLU A 212 -14.28 4.58 -5.91
C GLU A 212 -14.40 6.10 -5.78
N VAL A 213 -13.29 6.80 -6.03
CA VAL A 213 -13.30 8.24 -6.14
C VAL A 213 -12.87 8.61 -7.55
N PRO A 214 -13.64 9.47 -8.24
CA PRO A 214 -13.28 9.91 -9.59
C PRO A 214 -11.85 10.47 -9.65
N ALA A 215 -11.08 10.04 -10.63
CA ALA A 215 -9.66 10.39 -10.74
C ALA A 215 -9.42 11.89 -10.75
N SER A 216 -10.40 12.65 -11.25
CA SER A 216 -10.31 14.10 -11.31
C SER A 216 -10.37 14.73 -9.92
N GLN A 217 -10.79 13.93 -8.94
CA GLN A 217 -10.94 14.40 -7.56
C GLN A 217 -9.85 13.81 -6.66
N CYS A 218 -8.82 13.24 -7.28
CA CYS A 218 -7.74 12.60 -6.54
C CYS A 218 -6.38 13.24 -6.81
N HIS A 219 -5.48 13.13 -5.84
CA HIS A 219 -4.10 13.50 -6.04
C HIS A 219 -3.38 12.39 -6.77
N ARG A 220 -2.38 12.75 -7.58
CA ARG A 220 -1.66 11.77 -8.40
C ARG A 220 -0.43 11.21 -7.69
N SER A 221 0.30 12.07 -6.99
CA SER A 221 1.54 11.65 -6.32
C SER A 221 1.23 10.72 -5.15
N PRO A 222 1.78 9.51 -5.19
CA PRO A 222 1.41 8.47 -4.22
C PRO A 222 2.05 8.64 -2.84
N LEU A 223 1.34 8.15 -1.82
CA LEU A 223 1.95 7.93 -0.52
C LEU A 223 2.72 6.62 -0.58
N VAL A 224 4.02 6.67 -0.32
CA VAL A 224 4.84 5.48 -0.44
C VAL A 224 5.33 5.00 0.92
N LEU A 225 4.97 3.77 1.26
CA LEU A 225 5.32 3.19 2.55
C LEU A 225 6.07 1.87 2.35
N ALA A 226 6.78 1.46 3.38
CA ALA A 226 7.45 0.15 3.38
C ALA A 226 6.85 -0.73 4.46
N TYR A 227 6.98 -2.04 4.29
CA TYR A 227 6.46 -2.99 5.26
C TYR A 227 7.47 -4.12 5.47
N ASP A 228 7.87 -4.33 6.71
CA ASP A 228 8.83 -5.36 7.05
C ASP A 228 8.76 -5.65 8.55
N GLN A 229 8.88 -6.93 8.91
CA GLN A 229 8.83 -7.37 10.29
C GLN A 229 7.53 -6.89 10.95
N ALA A 230 6.43 -7.04 10.22
CA ALA A 230 5.09 -6.74 10.72
C ALA A 230 4.90 -5.28 11.11
N HIS A 231 5.68 -4.40 10.51
CA HIS A 231 5.52 -2.97 10.74
C HIS A 231 5.56 -2.16 9.45
N PHE A 232 4.72 -1.14 9.40
CA PHE A 232 4.77 -0.17 8.31
C PHE A 232 5.74 0.94 8.65
N SER A 233 6.32 1.55 7.62
CA SER A 233 7.23 2.68 7.80
C SER A 233 7.16 3.62 6.61
N ALA A 234 7.55 4.87 6.83
CA ALA A 234 7.66 5.83 5.73
C ALA A 234 9.00 5.63 5.02
N LEU A 235 9.24 6.40 3.97
CA LEU A 235 10.47 6.26 3.20
C LEU A 235 11.13 7.61 2.94
N VAL A 236 12.36 7.78 3.43
CA VAL A 236 13.16 8.94 3.10
C VAL A 236 14.27 8.53 2.14
N SER A 237 15.03 9.50 1.65
CA SER A 237 16.17 9.18 0.81
C SER A 237 17.47 9.52 1.53
N MET A 238 18.56 8.88 1.15
CA MET A 238 19.85 9.09 1.80
C MET A 238 20.37 10.51 1.55
N GLU A 239 20.00 11.08 0.42
CA GLU A 239 20.45 12.42 0.06
C GLU A 239 19.90 13.48 1.02
N GLN A 240 18.76 13.17 1.64
CA GLN A 240 18.13 14.10 2.58
C GLN A 240 18.98 14.33 3.83
N LYS A 241 19.88 13.39 4.11
CA LYS A 241 20.80 13.55 5.23
C LYS A 241 21.84 14.63 4.92
N GLU A 242 22.15 14.80 3.63
CA GLU A 242 23.13 15.77 3.20
C GLU A 242 22.49 17.15 2.96
N ASN A 243 21.36 17.16 2.25
CA ASN A 243 20.66 18.41 1.96
C ASN A 243 19.20 18.18 1.59
N THR A 244 18.49 19.26 1.25
CA THR A 244 17.07 19.18 0.95
C THR A 244 16.81 18.49 -0.39
N LYS A 245 15.93 17.50 -0.36
CA LYS A 245 15.52 16.78 -1.56
C LYS A 245 14.02 16.52 -1.49
N GLU A 246 13.28 16.97 -2.50
CA GLU A 246 11.82 16.91 -2.46
C GLU A 246 11.25 15.64 -3.09
N GLN A 247 11.79 15.27 -4.24
CA GLN A 247 11.21 14.19 -5.04
C GLN A 247 12.10 12.95 -5.08
N ALA A 248 11.46 11.79 -5.13
CA ALA A 248 12.17 10.53 -5.32
C ALA A 248 11.38 9.65 -6.29
N VAL A 249 11.97 8.52 -6.65
CA VAL A 249 11.37 7.61 -7.61
C VAL A 249 11.01 6.26 -6.99
N ILE A 250 9.80 5.78 -7.25
CA ILE A 250 9.40 4.45 -6.83
C ILE A 250 8.94 3.64 -8.06
N PRO A 251 9.41 2.39 -8.18
CA PRO A 251 9.03 1.53 -9.30
C PRO A 251 7.59 1.03 -9.19
N LEU A 252 6.94 0.79 -10.34
CA LEU A 252 5.59 0.24 -10.36
C LEU A 252 5.59 -1.24 -10.74
N THR A 253 6.78 -1.80 -10.91
CA THR A 253 6.95 -3.23 -11.08
C THR A 253 7.82 -3.78 -9.96
N ASP A 254 7.88 -5.11 -9.83
CA ASP A 254 8.83 -5.72 -8.91
C ASP A 254 10.19 -5.84 -9.60
N SER A 255 11.12 -6.51 -8.94
CA SER A 255 12.48 -6.63 -9.45
C SER A 255 12.58 -7.62 -10.60
N GLU A 256 11.47 -8.28 -10.92
CA GLU A 256 11.42 -9.21 -12.04
C GLU A 256 10.62 -8.63 -13.20
N TYR A 257 10.39 -7.33 -13.14
CA TYR A 257 9.75 -6.56 -14.20
C TYR A 257 8.28 -6.95 -14.40
N LYS A 258 7.67 -7.52 -13.36
CA LYS A 258 6.24 -7.79 -13.37
C LYS A 258 5.51 -6.67 -12.65
N LEU A 259 4.45 -6.17 -13.28
CA LEU A 259 3.63 -5.10 -12.70
C LEU A 259 3.20 -5.47 -11.29
N LEU A 260 3.33 -4.53 -10.37
CA LEU A 260 2.91 -4.75 -8.99
C LEU A 260 1.41 -5.02 -8.93
N PRO A 261 0.98 -5.85 -7.97
CA PRO A 261 -0.44 -6.17 -7.79
C PRO A 261 -1.29 -4.91 -7.57
N LEU A 262 -2.42 -4.84 -8.27
CA LEU A 262 -3.40 -3.78 -8.03
C LEU A 262 -4.47 -4.31 -7.07
N HIS A 263 -4.41 -3.86 -5.83
CA HIS A 263 -5.29 -4.37 -4.78
C HIS A 263 -6.75 -3.98 -5.00
N PHE A 264 -7.63 -4.98 -4.95
CA PHE A 264 -9.08 -4.78 -5.01
C PHE A 264 -9.52 -4.00 -6.25
N ALA A 265 -8.80 -4.19 -7.35
CA ALA A 265 -9.04 -3.43 -8.57
C ALA A 265 -10.27 -3.91 -9.34
N VAL A 266 -10.75 -5.09 -9.00
CA VAL A 266 -11.91 -5.66 -9.68
C VAL A 266 -13.20 -5.41 -8.90
N ASP A 267 -14.17 -4.77 -9.57
CA ASP A 267 -15.50 -4.61 -9.00
C ASP A 267 -16.54 -5.25 -9.90
N PRO A 268 -17.07 -6.41 -9.49
CA PRO A 268 -18.20 -6.98 -10.21
C PRO A 268 -19.41 -6.09 -10.02
N GLY A 269 -20.33 -6.09 -10.97
CA GLY A 269 -21.49 -5.23 -10.89
C GLY A 269 -22.35 -5.49 -9.66
N LYS A 270 -23.30 -4.60 -9.40
CA LYS A 270 -24.25 -4.79 -8.31
C LYS A 270 -25.15 -5.98 -8.62
N GLY A 271 -25.30 -6.28 -9.91
CA GLY A 271 -26.14 -7.39 -10.35
C GLY A 271 -25.44 -8.73 -10.29
N TRP A 272 -24.11 -8.70 -10.19
CA TRP A 272 -23.31 -9.90 -10.06
C TRP A 272 -23.72 -10.73 -8.84
N GLU A 273 -24.02 -12.00 -9.06
CA GLU A 273 -24.45 -12.89 -7.99
C GLU A 273 -23.30 -13.80 -7.54
N TRP A 274 -23.12 -13.90 -6.22
CA TRP A 274 -21.99 -14.65 -5.66
C TRP A 274 -22.11 -16.15 -5.87
N GLY A 275 -23.33 -16.63 -6.10
CA GLY A 275 -23.57 -18.05 -6.28
C GLY A 275 -22.80 -18.66 -7.43
N ASN A 281 -16.38 -20.94 -16.23
CA ASN A 281 -16.05 -19.67 -15.60
C ASN A 281 -16.10 -18.51 -16.60
N VAL A 282 -17.07 -18.56 -17.50
CA VAL A 282 -17.26 -17.50 -18.48
C VAL A 282 -17.59 -16.18 -17.80
N ARG A 283 -18.39 -16.24 -16.75
CA ARG A 283 -18.75 -15.06 -15.98
C ARG A 283 -17.53 -14.51 -15.24
N LEU A 284 -16.74 -15.42 -14.67
CA LEU A 284 -15.54 -15.04 -13.94
C LEU A 284 -14.46 -14.46 -14.86
N ALA A 285 -14.47 -14.89 -16.11
CA ALA A 285 -13.47 -14.44 -17.08
C ALA A 285 -13.66 -12.98 -17.44
N SER A 286 -14.93 -12.56 -17.45
CA SER A 286 -15.31 -11.23 -17.91
C SER A 286 -14.85 -10.11 -16.98
N VAL A 287 -14.74 -10.41 -15.70
CA VAL A 287 -14.42 -9.40 -14.69
C VAL A 287 -12.92 -9.25 -14.43
N ILE A 288 -12.14 -10.24 -14.83
CA ILE A 288 -10.70 -10.22 -14.57
C ILE A 288 -10.01 -9.20 -15.49
N LEU A 289 -9.07 -8.45 -14.91
CA LEU A 289 -8.39 -7.38 -15.63
C LEU A 289 -7.17 -7.85 -16.43
N SER A 290 -7.09 -7.40 -17.68
CA SER A 290 -5.92 -7.66 -18.52
C SER A 290 -4.80 -6.69 -18.16
N LEU A 291 -3.62 -6.91 -18.71
CA LEU A 291 -2.48 -6.03 -18.45
C LEU A 291 -2.74 -4.64 -19.02
N GLU A 292 -3.39 -4.58 -20.18
CA GLU A 292 -3.75 -3.31 -20.79
C GLU A 292 -4.71 -2.53 -19.91
N VAL A 293 -5.70 -3.21 -19.36
CA VAL A 293 -6.69 -2.56 -18.49
C VAL A 293 -6.02 -2.05 -17.21
N LYS A 294 -5.12 -2.85 -16.64
CA LYS A 294 -4.38 -2.45 -15.45
C LYS A 294 -3.57 -1.19 -15.72
N LEU A 295 -2.88 -1.17 -16.86
CA LEU A 295 -2.09 0.00 -17.25
C LEU A 295 -2.98 1.24 -17.38
N HIS A 296 -4.17 1.04 -17.94
CA HIS A 296 -5.12 2.14 -18.11
C HIS A 296 -5.55 2.73 -16.76
N LEU A 297 -5.76 1.86 -15.78
CA LEU A 297 -6.13 2.31 -14.44
C LEU A 297 -5.00 3.11 -13.80
N LEU A 298 -3.76 2.65 -14.01
CA LEU A 298 -2.60 3.35 -13.47
C LEU A 298 -2.43 4.73 -14.11
N HIS A 299 -2.67 4.81 -15.42
CA HIS A 299 -2.58 6.09 -16.13
C HIS A 299 -3.66 7.05 -15.65
N SER A 300 -4.81 6.50 -15.28
CA SER A 300 -5.93 7.30 -14.82
C SER A 300 -5.67 7.93 -13.46
N TYR A 301 -5.02 7.19 -12.57
CA TYR A 301 -4.86 7.62 -11.19
C TYR A 301 -3.42 7.99 -10.80
N MET A 302 -2.47 7.77 -11.71
CA MET A 302 -1.08 8.07 -11.44
C MET A 302 -0.42 8.75 -12.64
N ASN A 303 0.64 9.51 -12.38
CA ASN A 303 1.47 10.05 -13.45
C ASN A 303 2.63 9.11 -13.75
N VAL A 304 2.37 8.10 -14.58
CA VAL A 304 3.35 7.07 -14.86
C VAL A 304 4.45 7.56 -15.79
N LYS A 305 5.70 7.36 -15.39
CA LYS A 305 6.85 7.65 -16.25
C LYS A 305 7.57 6.36 -16.60
N TRP A 306 8.26 6.35 -17.73
CA TRP A 306 9.01 5.17 -18.17
C TRP A 306 10.48 5.48 -18.31
N ILE A 307 11.31 4.76 -17.56
CA ILE A 307 12.76 4.92 -17.66
C ILE A 307 13.44 3.59 -17.93
N PRO A 308 14.60 3.63 -18.60
CA PRO A 308 15.39 2.42 -18.78
C PRO A 308 16.11 2.03 -17.48
N LEU A 309 15.75 0.89 -16.91
CA LEU A 309 16.45 0.39 -15.73
C LEU A 309 16.72 -1.11 -15.85
N SER A 310 17.49 -1.62 -14.90
CA SER A 310 17.76 -3.05 -14.82
C SER A 310 17.89 -3.46 -13.36
N SER A 311 17.55 -4.71 -13.07
CA SER A 311 17.60 -5.22 -11.70
C SER A 311 19.02 -5.57 -11.28
N LYS A 312 19.22 -5.66 -9.97
CA LYS A 312 20.52 -6.01 -9.40
C LYS A 312 20.50 -7.39 -8.76
#